data_7L1A
#
_entry.id   7L1A
#
_cell.length_a   68.113
_cell.length_b   94.148
_cell.length_c   117.237
_cell.angle_alpha   90.00
_cell.angle_beta   90.00
_cell.angle_gamma   90.00
#
_symmetry.space_group_name_H-M   'I 2 2 2'
#
loop_
_entity.id
_entity.type
_entity.pdbx_description
1 polymer 'S-adenosylmethionine synthase isoform type-2'
2 non-polymer 'MAGNESIUM ION'
3 non-polymer 'POTASSIUM ION'
4 non-polymer "N,N'-(dihydroxy-lambda~5~-phosphanediyl)bis(phosphoramidic acid)"
5 non-polymer "5'-DEOXY-5'-METHYLTHIOADENOSINE"
6 non-polymer ALANINE
7 non-polymer 'SODIUM ION'
8 water water
#
_entity_poly.entity_id   1
_entity_poly.type   'polypeptide(L)'
_entity_poly.pdbx_seq_one_letter_code
;MHHHHHHSSGVDLGTENLYFQSMNGQLNGFHEAFIEEGTFLFTSESVGEGHPDKICDQISDAVLDAHLQQDPDAKVACET
VAKTGMILLAGEITSRAAVDYQKVVREAVKHIGYDDSSKGFDYKTCNVLVALEQQSPDIAQGVHLDRNEEDIGAGDQGLM
FGYATDETEECMPLTIVLAHKLNAKLAELRRNGTLPWLRPDSKTQVTVQYMQDRGAVLPIRVHTIVISVQHDEEVCLDEM
RDALKEKVIKAVVPAKYLDEDTIYHLQPSGRFVIGGPQGDAGLTGRKIIVDTYGGWGAHGGGAFSGKDYTKVDRSAAYAA
RWVAKSLVKGGLCRRVLVQVSYAIGVSHPLSISIFHYGTSQKSERELLEIVKKNFDLRPGVIVRDLDLKKPIYQRTAAYG
HFGRDSFPWEVPKKLKY
;
_entity_poly.pdbx_strand_id   A
#
loop_
_chem_comp.id
_chem_comp.type
_chem_comp.name
_chem_comp.formula
K non-polymer 'POTASSIUM ION' 'K 1'
MG non-polymer 'MAGNESIUM ION' 'Mg 2'
MTA non-polymer 5'-DEOXY-5'-METHYLTHIOADENOSINE 'C11 H15 N5 O3 S'
NA non-polymer 'SODIUM ION' 'Na 1'
XE1 non-polymer 'N,N'-(dihydroxy-lambda~5~-phosphanediyl)bis(phosphoramidic acid)' 'H9 N2 O8 P3'
#
# COMPACT_ATOMS: atom_id res chain seq x y z
N GLY A 38 27.19 13.83 -9.52
CA GLY A 38 26.31 14.08 -8.39
C GLY A 38 24.95 13.42 -8.52
N THR A 39 24.73 12.70 -9.63
CA THR A 39 23.44 12.08 -9.86
C THR A 39 23.49 10.60 -9.53
N PHE A 40 22.31 10.04 -9.35
CA PHE A 40 22.19 8.64 -9.02
C PHE A 40 20.88 8.13 -9.58
N LEU A 41 20.77 6.81 -9.69
CA LEU A 41 19.54 6.18 -10.12
C LEU A 41 18.79 5.61 -8.93
N PHE A 42 17.47 5.57 -9.04
CA PHE A 42 16.69 4.86 -8.04
C PHE A 42 15.51 4.25 -8.76
N THR A 43 15.16 3.03 -8.38
CA THR A 43 14.10 2.26 -9.02
C THR A 43 13.03 1.90 -8.01
N SER A 44 11.76 1.98 -8.46
CA SER A 44 10.64 1.48 -7.69
C SER A 44 9.73 0.71 -8.62
N GLU A 45 8.90 -0.17 -8.04
CA GLU A 45 7.94 -0.90 -8.84
C GLU A 45 6.53 -0.75 -8.28
N SER A 46 5.58 -1.11 -9.12
CA SER A 46 4.20 -1.20 -8.68
C SER A 46 3.57 -2.39 -9.39
N VAL A 47 2.42 -2.81 -8.89
CA VAL A 47 1.68 -3.89 -9.53
C VAL A 47 0.22 -3.50 -9.67
N GLY A 48 -0.44 -4.14 -10.61
CA GLY A 48 -1.84 -3.86 -10.86
C GLY A 48 -2.79 -4.59 -9.95
N GLU A 49 -4.07 -4.24 -10.09
CA GLU A 49 -5.11 -4.79 -9.23
C GLU A 49 -5.25 -6.30 -9.38
N GLY A 50 -4.91 -6.84 -10.54
CA GLY A 50 -5.00 -8.25 -10.78
C GLY A 50 -3.74 -9.05 -10.55
N HIS A 51 -2.70 -8.40 -10.09
CA HIS A 51 -1.53 -9.15 -9.65
C HIS A 51 -1.93 -10.04 -8.48
N PRO A 52 -1.53 -11.31 -8.46
CA PRO A 52 -2.11 -12.21 -7.45
CA PRO A 52 -2.06 -12.24 -7.44
C PRO A 52 -1.88 -11.82 -6.00
N ASP A 53 -0.76 -11.22 -5.66
CA ASP A 53 -0.57 -10.75 -4.30
C ASP A 53 -1.52 -9.60 -4.00
N LYS A 54 -1.71 -8.71 -4.97
CA LYS A 54 -2.61 -7.59 -4.76
C LYS A 54 -4.06 -8.02 -4.70
N ILE A 55 -4.42 -9.09 -5.44
CA ILE A 55 -5.76 -9.65 -5.31
C ILE A 55 -6.01 -10.01 -3.86
N CYS A 56 -5.04 -10.69 -3.25
CA CYS A 56 -5.14 -11.08 -1.85
C CYS A 56 -5.27 -9.89 -0.92
N ASP A 57 -4.45 -8.86 -1.11
CA ASP A 57 -4.61 -7.68 -0.27
C ASP A 57 -6.01 -7.10 -0.37
N GLN A 58 -6.53 -7.00 -1.59
CA GLN A 58 -7.86 -6.42 -1.79
C GLN A 58 -8.94 -7.28 -1.16
N ILE A 59 -8.83 -8.60 -1.29
CA ILE A 59 -9.82 -9.47 -0.67
C ILE A 59 -9.76 -9.35 0.84
N SER A 60 -8.55 -9.36 1.40
CA SER A 60 -8.41 -9.28 2.85
C SER A 60 -9.02 -7.97 3.35
N ASP A 61 -8.84 -6.87 2.63
CA ASP A 61 -9.46 -5.62 3.03
C ASP A 61 -10.95 -5.55 2.73
N ALA A 62 -11.44 -6.27 1.72
CA ALA A 62 -12.88 -6.38 1.52
C ALA A 62 -13.53 -7.10 2.71
N VAL A 63 -12.85 -8.12 3.22
CA VAL A 63 -13.33 -8.85 4.37
C VAL A 63 -13.34 -7.95 5.60
N LEU A 64 -12.24 -7.21 5.80
CA LEU A 64 -12.19 -6.26 6.90
C LEU A 64 -13.32 -5.26 6.80
N ASP A 65 -13.48 -4.64 5.64
CA ASP A 65 -14.54 -3.65 5.49
C ASP A 65 -15.91 -4.26 5.77
N ALA A 66 -16.16 -5.48 5.31
CA ALA A 66 -17.47 -6.10 5.53
C ALA A 66 -17.75 -6.26 7.00
N HIS A 67 -16.74 -6.63 7.78
CA HIS A 67 -16.91 -6.72 9.22
C HIS A 67 -17.14 -5.34 9.83
N LEU A 68 -16.32 -4.36 9.44
CA LEU A 68 -16.43 -3.03 10.05
C LEU A 68 -17.75 -2.36 9.73
N GLN A 69 -18.37 -2.68 8.59
CA GLN A 69 -19.66 -2.09 8.27
C GLN A 69 -20.71 -2.47 9.29
N GLN A 70 -20.59 -3.65 9.90
CA GLN A 70 -21.54 -4.11 10.90
C GLN A 70 -21.05 -3.99 12.33
N ASP A 71 -19.75 -4.14 12.56
CA ASP A 71 -19.17 -4.13 13.90
C ASP A 71 -17.92 -3.28 13.84
N PRO A 72 -18.00 -2.00 14.19
CA PRO A 72 -16.80 -1.15 14.14
C PRO A 72 -15.67 -1.60 15.00
N ASP A 73 -15.91 -2.46 16.00
CA ASP A 73 -14.86 -2.95 16.88
C ASP A 73 -14.42 -4.36 16.53
N ALA A 74 -14.73 -4.83 15.33
CA ALA A 74 -14.29 -6.15 14.92
C ALA A 74 -12.79 -6.26 15.02
N LYS A 75 -12.33 -7.42 15.49
CA LYS A 75 -10.92 -7.77 15.54
CA LYS A 75 -10.92 -7.77 15.54
C LYS A 75 -10.67 -8.69 14.35
N VAL A 76 -9.87 -8.23 13.41
CA VAL A 76 -9.71 -8.88 12.12
C VAL A 76 -8.23 -9.03 11.82
N ALA A 77 -7.84 -10.23 11.43
CA ALA A 77 -6.49 -10.54 10.98
C ALA A 77 -6.68 -11.58 9.88
N CYS A 78 -7.04 -11.11 8.67
N CYS A 78 -7.19 -11.15 8.73
CA CYS A 78 -7.48 -11.99 7.59
CA CYS A 78 -7.44 -12.08 7.64
C CYS A 78 -6.41 -12.09 6.51
C CYS A 78 -6.25 -12.07 6.70
N GLU A 79 -5.79 -13.26 6.38
CA GLU A 79 -4.83 -13.50 5.31
C GLU A 79 -5.55 -14.23 4.19
N THR A 80 -5.20 -13.91 2.96
CA THR A 80 -5.76 -14.53 1.78
C THR A 80 -4.62 -15.16 0.98
N VAL A 81 -4.90 -16.32 0.40
CA VAL A 81 -4.01 -16.99 -0.53
C VAL A 81 -4.79 -17.24 -1.80
N ALA A 82 -4.13 -17.02 -2.93
CA ALA A 82 -4.73 -17.23 -4.22
C ALA A 82 -3.84 -18.10 -5.08
N LYS A 83 -4.41 -19.12 -5.67
CA LYS A 83 -3.73 -19.95 -6.65
C LYS A 83 -4.79 -20.32 -7.68
N THR A 84 -4.40 -21.05 -8.71
CA THR A 84 -5.33 -21.46 -9.76
C THR A 84 -6.64 -21.93 -9.14
N GLY A 85 -7.71 -21.22 -9.45
CA GLY A 85 -9.04 -21.63 -9.09
C GLY A 85 -9.39 -21.50 -7.63
N MET A 86 -8.55 -20.88 -6.80
CA MET A 86 -8.75 -20.92 -5.36
C MET A 86 -8.46 -19.59 -4.69
N ILE A 87 -9.39 -19.18 -3.83
CA ILE A 87 -9.14 -18.18 -2.80
C ILE A 87 -9.32 -18.88 -1.46
N LEU A 88 -8.29 -18.85 -0.62
CA LEU A 88 -8.37 -19.34 0.74
C LEU A 88 -8.26 -18.17 1.71
N LEU A 89 -9.21 -18.07 2.64
CA LEU A 89 -9.13 -17.13 3.75
C LEU A 89 -8.64 -17.85 4.99
N ALA A 90 -7.59 -17.35 5.62
N ALA A 90 -7.54 -17.38 5.55
CA ALA A 90 -7.06 -17.98 6.82
CA ALA A 90 -6.95 -17.90 6.77
C ALA A 90 -6.62 -16.90 7.80
C ALA A 90 -6.93 -16.75 7.77
N GLY A 91 -6.98 -17.08 9.04
CA GLY A 91 -6.60 -16.11 10.05
C GLY A 91 -7.65 -16.10 11.13
N GLU A 92 -7.80 -14.95 11.75
CA GLU A 92 -8.49 -14.83 13.02
C GLU A 92 -9.40 -13.61 13.00
N ILE A 93 -10.68 -13.84 13.27
CA ILE A 93 -11.67 -12.78 13.30
C ILE A 93 -12.56 -13.01 14.49
N THR A 94 -12.72 -11.99 15.33
CA THR A 94 -13.74 -11.96 16.37
C THR A 94 -14.60 -10.73 16.14
N SER A 95 -15.87 -10.96 15.89
CA SER A 95 -16.73 -9.92 15.38
C SER A 95 -18.18 -10.31 15.62
N ARG A 96 -19.02 -9.29 15.81
CA ARG A 96 -20.46 -9.49 15.88
C ARG A 96 -21.12 -9.50 14.51
N ALA A 97 -20.36 -9.23 13.46
CA ALA A 97 -20.92 -9.15 12.12
C ALA A 97 -21.28 -10.54 11.60
N ALA A 98 -22.24 -10.58 10.71
CA ALA A 98 -22.60 -11.78 9.95
C ALA A 98 -22.18 -11.52 8.51
N VAL A 99 -21.07 -12.14 8.09
CA VAL A 99 -20.46 -11.84 6.79
C VAL A 99 -20.55 -13.07 5.91
N ASP A 100 -21.01 -12.87 4.67
CA ASP A 100 -21.08 -13.92 3.66
C ASP A 100 -19.76 -13.88 2.91
N TYR A 101 -18.82 -14.73 3.33
CA TYR A 101 -17.49 -14.68 2.75
C TYR A 101 -17.50 -15.03 1.27
N GLN A 102 -18.33 -15.98 0.86
CA GLN A 102 -18.47 -16.31 -0.55
CA GLN A 102 -18.43 -16.30 -0.55
C GLN A 102 -18.76 -15.06 -1.36
N LYS A 103 -19.77 -14.31 -0.95
CA LYS A 103 -20.19 -13.13 -1.69
C LYS A 103 -19.11 -12.05 -1.66
N VAL A 104 -18.53 -11.80 -0.49
CA VAL A 104 -17.55 -10.72 -0.36
C VAL A 104 -16.34 -11.00 -1.24
N VAL A 105 -15.83 -12.23 -1.19
CA VAL A 105 -14.68 -12.61 -1.99
C VAL A 105 -15.01 -12.50 -3.47
N ARG A 106 -16.14 -13.06 -3.88
CA ARG A 106 -16.43 -13.09 -5.31
C ARG A 106 -16.67 -11.71 -5.86
N GLU A 107 -17.28 -10.83 -5.08
CA GLU A 107 -17.52 -9.47 -5.54
C GLU A 107 -16.21 -8.71 -5.70
N ALA A 108 -15.23 -8.98 -4.82
CA ALA A 108 -13.93 -8.34 -4.97
C ALA A 108 -13.24 -8.80 -6.24
N VAL A 109 -13.27 -10.10 -6.52
CA VAL A 109 -12.64 -10.63 -7.72
C VAL A 109 -13.34 -10.13 -8.98
N LYS A 110 -14.68 -10.00 -8.92
CA LYS A 110 -15.42 -9.42 -10.03
C LYS A 110 -14.95 -8.00 -10.32
N HIS A 111 -14.79 -7.17 -9.26
CA HIS A 111 -14.37 -5.79 -9.48
C HIS A 111 -12.99 -5.72 -10.12
N ILE A 112 -12.10 -6.62 -9.72
CA ILE A 112 -10.76 -6.66 -10.29
C ILE A 112 -10.79 -6.96 -11.77
N GLY A 113 -11.72 -7.82 -12.19
CA GLY A 113 -11.91 -8.08 -13.60
C GLY A 113 -11.73 -9.54 -14.01
N TYR A 114 -11.58 -10.46 -13.05
CA TYR A 114 -11.41 -11.87 -13.39
C TYR A 114 -12.79 -12.52 -13.43
N ASP A 115 -13.36 -12.59 -14.64
CA ASP A 115 -14.75 -12.95 -14.79
C ASP A 115 -14.93 -14.01 -15.89
N ASP A 116 -13.89 -14.75 -16.24
CA ASP A 116 -14.09 -15.75 -17.27
C ASP A 116 -12.88 -16.67 -17.29
N SER A 117 -13.14 -17.95 -17.60
CA SER A 117 -12.04 -18.89 -17.64
CA SER A 117 -12.11 -18.96 -17.76
C SER A 117 -11.02 -18.50 -18.71
N SER A 118 -11.41 -17.78 -19.75
CA SER A 118 -10.46 -17.35 -20.77
C SER A 118 -9.41 -16.40 -20.21
N LYS A 119 -9.68 -15.76 -19.09
CA LYS A 119 -8.74 -14.86 -18.45
C LYS A 119 -7.89 -15.55 -17.39
N GLY A 120 -8.16 -16.82 -17.11
CA GLY A 120 -7.41 -17.60 -16.17
C GLY A 120 -8.04 -17.72 -14.80
N PHE A 121 -9.14 -16.99 -14.55
CA PHE A 121 -9.76 -16.94 -13.23
C PHE A 121 -11.13 -16.32 -13.37
N ASP A 122 -12.10 -16.86 -12.66
CA ASP A 122 -13.48 -16.40 -12.78
CA ASP A 122 -13.49 -16.42 -12.78
C ASP A 122 -14.12 -16.38 -11.39
N TYR A 123 -14.58 -15.20 -10.98
CA TYR A 123 -15.21 -15.05 -9.68
C TYR A 123 -16.45 -15.93 -9.56
N LYS A 124 -17.08 -16.26 -10.68
CA LYS A 124 -18.32 -17.01 -10.59
C LYS A 124 -18.11 -18.47 -10.23
N THR A 125 -16.95 -19.02 -10.58
CA THR A 125 -16.74 -20.45 -10.56
C THR A 125 -15.51 -20.90 -9.79
N CYS A 126 -14.72 -19.99 -9.28
CA CYS A 126 -13.64 -20.23 -8.33
C CYS A 126 -14.06 -20.87 -7.04
N ASN A 127 -13.10 -21.58 -6.42
CA ASN A 127 -13.24 -22.16 -5.10
C ASN A 127 -12.89 -21.09 -4.07
N VAL A 128 -13.78 -20.89 -3.10
CA VAL A 128 -13.52 -20.06 -1.95
C VAL A 128 -13.57 -20.96 -0.72
N LEU A 129 -12.44 -21.08 -0.04
CA LEU A 129 -12.28 -21.91 1.14
C LEU A 129 -12.04 -21.01 2.33
N VAL A 130 -12.62 -21.34 3.48
CA VAL A 130 -12.53 -20.48 4.64
C VAL A 130 -11.96 -21.27 5.83
N ALA A 131 -10.84 -20.78 6.39
CA ALA A 131 -10.18 -21.36 7.55
C ALA A 131 -9.96 -20.25 8.57
N LEU A 132 -11.06 -19.69 9.05
CA LEU A 132 -11.05 -18.57 9.96
C LEU A 132 -11.46 -19.07 11.34
N GLU A 133 -10.73 -18.64 12.35
CA GLU A 133 -11.03 -18.92 13.74
C GLU A 133 -11.15 -17.61 14.48
N GLN A 134 -11.58 -17.70 15.73
CA GLN A 134 -11.66 -16.51 16.56
C GLN A 134 -10.24 -16.05 16.93
N GLN A 135 -10.10 -14.78 17.28
CA GLN A 135 -8.86 -14.30 17.86
C GLN A 135 -8.50 -15.09 19.10
N SER A 136 -7.23 -15.40 19.24
CA SER A 136 -6.76 -16.08 20.44
C SER A 136 -7.22 -15.34 21.68
N PRO A 137 -7.85 -16.02 22.64
CA PRO A 137 -8.20 -15.33 23.90
CA PRO A 137 -8.20 -15.34 23.90
C PRO A 137 -7.00 -14.84 24.66
N ASP A 138 -5.83 -15.45 24.47
CA ASP A 138 -4.62 -14.98 25.14
C ASP A 138 -4.22 -13.62 24.60
N ILE A 139 -4.35 -13.44 23.29
CA ILE A 139 -4.09 -12.12 22.70
C ILE A 139 -5.12 -11.12 23.19
N ALA A 140 -6.39 -11.49 23.12
CA ALA A 140 -7.44 -10.55 23.48
C ALA A 140 -7.26 -10.04 24.90
N GLN A 141 -6.96 -10.93 25.85
CA GLN A 141 -6.82 -10.49 27.24
C GLN A 141 -5.63 -9.58 27.42
N GLY A 142 -4.59 -9.75 26.62
CA GLY A 142 -3.41 -8.94 26.81
C GLY A 142 -3.45 -7.61 26.10
N VAL A 143 -4.35 -7.47 25.14
CA VAL A 143 -4.39 -6.33 24.25
C VAL A 143 -5.54 -5.39 24.58
N HIS A 144 -6.77 -5.92 24.64
CA HIS A 144 -7.92 -5.03 24.64
C HIS A 144 -9.04 -5.39 25.60
N LEU A 145 -9.10 -6.61 26.15
CA LEU A 145 -10.15 -6.97 27.08
CA LEU A 145 -10.20 -6.90 27.04
C LEU A 145 -10.08 -6.09 28.32
N ASP A 146 -11.20 -5.48 28.69
N ASP A 146 -11.22 -5.50 28.69
CA ASP A 146 -11.31 -4.72 29.94
CA ASP A 146 -11.32 -4.69 29.91
C ASP A 146 -10.55 -3.40 29.94
C ASP A 146 -10.27 -3.58 29.93
N ARG A 147 -10.13 -2.92 28.78
CA ARG A 147 -9.23 -1.78 28.67
C ARG A 147 -10.02 -0.62 28.10
N ASN A 148 -9.80 0.55 28.67
CA ASN A 148 -10.33 1.79 28.13
C ASN A 148 -9.79 1.96 26.71
N GLU A 149 -10.64 2.39 25.79
CA GLU A 149 -10.21 2.39 24.40
C GLU A 149 -8.92 3.18 24.18
N GLU A 150 -8.82 4.36 24.77
CA GLU A 150 -7.60 5.16 24.58
C GLU A 150 -6.36 4.44 25.10
N ASP A 151 -6.54 3.50 26.03
CA ASP A 151 -5.44 2.81 26.69
C ASP A 151 -5.32 1.37 26.23
N ILE A 152 -5.93 1.03 25.09
CA ILE A 152 -5.75 -0.30 24.53
CA ILE A 152 -5.75 -0.30 24.52
C ILE A 152 -4.27 -0.53 24.22
N GLY A 153 -3.81 -1.73 24.43
CA GLY A 153 -2.44 -2.04 24.09
C GLY A 153 -2.26 -2.21 22.60
N ALA A 154 -1.01 -2.06 22.15
CA ALA A 154 -0.70 -2.45 20.80
C ALA A 154 -1.07 -3.92 20.61
N GLY A 155 -1.58 -4.25 19.43
CA GLY A 155 -1.98 -5.61 19.14
C GLY A 155 -0.85 -6.58 18.89
N ASP A 156 0.37 -6.08 18.78
CA ASP A 156 1.58 -6.86 18.54
C ASP A 156 2.75 -5.97 18.85
N GLN A 157 3.91 -6.58 18.99
CA GLN A 157 5.13 -5.81 18.91
C GLN A 157 5.39 -5.47 17.44
N GLY A 158 6.31 -4.56 17.21
CA GLY A 158 6.82 -4.33 15.88
C GLY A 158 7.36 -2.93 15.74
N LEU A 159 7.93 -2.69 14.58
CA LEU A 159 8.46 -1.38 14.22
C LEU A 159 7.82 -0.95 12.92
N MET A 160 7.71 0.36 12.74
CA MET A 160 7.03 0.95 11.58
C MET A 160 7.71 2.23 11.24
N PHE A 161 7.69 2.56 9.96
CA PHE A 161 8.26 3.80 9.51
C PHE A 161 7.25 4.61 8.73
N GLY A 162 7.46 5.92 8.77
CA GLY A 162 6.77 6.85 7.89
C GLY A 162 7.80 7.65 7.13
N TYR A 163 7.43 8.10 5.95
CA TYR A 163 8.36 8.81 5.10
C TYR A 163 7.59 9.87 4.32
N ALA A 164 8.26 10.98 4.05
CA ALA A 164 7.71 12.00 3.17
C ALA A 164 8.86 12.71 2.49
N THR A 165 8.62 13.16 1.28
CA THR A 165 9.62 13.83 0.47
C THR A 165 8.93 14.93 -0.33
N ASP A 166 9.53 16.10 -0.38
CA ASP A 166 8.94 17.23 -1.09
C ASP A 166 9.12 17.16 -2.60
N GLU A 167 9.61 16.06 -3.15
CA GLU A 167 9.85 16.01 -4.59
C GLU A 167 8.57 15.99 -5.41
N THR A 168 7.43 15.63 -4.82
CA THR A 168 6.13 15.72 -5.47
C THR A 168 5.16 16.42 -4.50
N GLU A 169 4.06 16.96 -5.05
CA GLU A 169 3.10 17.66 -4.20
C GLU A 169 2.48 16.73 -3.16
N GLU A 170 2.23 15.48 -3.54
CA GLU A 170 1.69 14.50 -2.61
C GLU A 170 2.72 13.94 -1.65
N CYS A 171 3.95 14.43 -1.71
CA CYS A 171 4.96 14.11 -0.72
CA CYS A 171 5.01 14.11 -0.76
C CYS A 171 5.45 12.67 -0.83
N MET A 172 5.45 12.13 -2.04
CA MET A 172 5.88 10.77 -2.32
C MET A 172 7.01 10.74 -3.34
N PRO A 173 7.78 9.66 -3.38
CA PRO A 173 8.83 9.55 -4.40
C PRO A 173 8.25 9.46 -5.81
N LEU A 174 8.88 10.16 -6.74
CA LEU A 174 8.39 10.15 -8.11
C LEU A 174 8.41 8.74 -8.71
N THR A 175 9.44 7.94 -8.38
CA THR A 175 9.55 6.61 -8.95
C THR A 175 8.29 5.78 -8.72
N ILE A 176 7.82 5.74 -7.47
N ILE A 176 7.83 5.76 -7.47
CA ILE A 176 6.66 4.89 -7.22
CA ILE A 176 6.68 4.94 -7.09
C ILE A 176 5.38 5.57 -7.69
C ILE A 176 5.39 5.57 -7.59
N VAL A 177 5.29 6.90 -7.61
CA VAL A 177 4.10 7.55 -8.13
C VAL A 177 3.90 7.20 -9.59
N LEU A 178 4.98 7.30 -10.39
CA LEU A 178 4.85 6.96 -11.81
C LEU A 178 4.54 5.48 -12.00
N ALA A 179 5.17 4.61 -11.22
CA ALA A 179 4.90 3.18 -11.38
C ALA A 179 3.45 2.87 -11.08
N HIS A 180 2.87 3.47 -10.03
CA HIS A 180 1.47 3.25 -9.74
C HIS A 180 0.60 3.77 -10.87
N LYS A 181 0.89 4.97 -11.35
CA LYS A 181 0.05 5.57 -12.38
C LYS A 181 0.07 4.76 -13.67
N LEU A 182 1.19 4.10 -13.99
CA LEU A 182 1.22 3.25 -15.16
C LEU A 182 0.27 2.07 -15.00
N ASN A 183 0.23 1.44 -13.83
CA ASN A 183 -0.72 0.36 -13.60
C ASN A 183 -2.15 0.86 -13.64
N ALA A 184 -2.41 2.04 -13.07
CA ALA A 184 -3.76 2.58 -13.09
C ALA A 184 -4.20 2.88 -14.52
N LYS A 185 -3.28 3.32 -15.36
CA LYS A 185 -3.61 3.60 -16.74
C LYS A 185 -3.94 2.32 -17.49
N LEU A 186 -3.19 1.25 -17.26
CA LEU A 186 -3.53 -0.03 -17.84
C LEU A 186 -4.95 -0.44 -17.47
N ALA A 187 -5.29 -0.33 -16.19
CA ALA A 187 -6.63 -0.72 -15.77
C ALA A 187 -7.68 0.14 -16.43
N GLU A 188 -7.41 1.43 -16.56
CA GLU A 188 -8.37 2.34 -17.18
C GLU A 188 -8.63 1.93 -18.63
N LEU A 189 -7.57 1.63 -19.37
CA LEU A 189 -7.71 1.31 -20.79
C LEU A 189 -8.27 -0.09 -20.99
N ARG A 190 -8.08 -0.97 -20.02
CA ARG A 190 -8.76 -2.26 -20.04
C ARG A 190 -10.25 -2.06 -19.83
N ARG A 191 -10.61 -1.27 -18.81
CA ARG A 191 -12.01 -1.14 -18.45
C ARG A 191 -12.78 -0.31 -19.45
N ASN A 192 -12.15 0.64 -20.13
CA ASN A 192 -12.87 1.44 -21.12
C ASN A 192 -12.90 0.81 -22.51
N GLY A 193 -12.27 -0.35 -22.67
CA GLY A 193 -12.37 -1.11 -23.90
C GLY A 193 -11.45 -0.67 -25.01
N THR A 194 -10.57 0.28 -24.76
CA THR A 194 -9.72 0.71 -25.87
C THR A 194 -8.54 -0.22 -26.12
N LEU A 195 -8.09 -0.97 -25.12
CA LEU A 195 -7.09 -2.03 -25.28
C LEU A 195 -7.73 -3.32 -24.76
N PRO A 196 -8.65 -3.91 -25.53
CA PRO A 196 -9.43 -5.03 -25.00
C PRO A 196 -8.63 -6.30 -24.84
N TRP A 197 -7.40 -6.36 -25.35
CA TRP A 197 -6.52 -7.50 -25.14
C TRP A 197 -5.86 -7.51 -23.78
N LEU A 198 -5.99 -6.44 -23.00
CA LEU A 198 -5.37 -6.41 -21.69
C LEU A 198 -6.14 -7.27 -20.72
N ARG A 199 -5.41 -7.88 -19.78
CA ARG A 199 -5.98 -8.60 -18.65
CA ARG A 199 -5.99 -8.59 -18.65
C ARG A 199 -5.54 -7.91 -17.35
N PRO A 200 -6.07 -8.30 -16.19
CA PRO A 200 -5.86 -7.52 -14.96
C PRO A 200 -4.47 -7.57 -14.32
N ASP A 201 -3.67 -8.59 -14.59
CA ASP A 201 -2.38 -8.78 -13.93
C ASP A 201 -1.29 -7.97 -14.63
N SER A 202 -0.67 -7.04 -13.92
CA SER A 202 0.36 -6.21 -14.51
C SER A 202 1.39 -5.85 -13.46
N LYS A 203 2.57 -5.51 -13.94
CA LYS A 203 3.67 -5.00 -13.14
C LYS A 203 4.38 -3.91 -13.92
N THR A 204 4.85 -2.91 -13.19
CA THR A 204 5.60 -1.81 -13.80
C THR A 204 6.80 -1.52 -12.91
N GLN A 205 7.78 -0.87 -13.50
CA GLN A 205 8.97 -0.50 -12.76
C GLN A 205 9.56 0.74 -13.42
N VAL A 206 9.94 1.72 -12.60
CA VAL A 206 10.44 2.99 -13.09
C VAL A 206 11.74 3.30 -12.40
N THR A 207 12.76 3.59 -13.20
CA THR A 207 14.05 4.03 -12.72
C THR A 207 14.19 5.49 -13.09
N VAL A 208 14.46 6.34 -12.09
CA VAL A 208 14.62 7.77 -12.29
C VAL A 208 16.04 8.15 -11.93
N GLN A 209 16.60 9.06 -12.71
CA GLN A 209 17.87 9.68 -12.42
CA GLN A 209 17.87 9.68 -12.42
C GLN A 209 17.61 10.95 -11.62
N TYR A 210 18.25 11.04 -10.46
CA TYR A 210 18.05 12.12 -9.52
C TYR A 210 19.34 12.89 -9.30
N MET A 211 19.18 14.14 -8.88
CA MET A 211 20.28 14.87 -8.28
CA MET A 211 20.24 14.95 -8.29
C MET A 211 20.01 15.03 -6.79
N GLN A 212 21.09 15.17 -6.03
CA GLN A 212 21.01 15.44 -4.60
C GLN A 212 21.03 16.95 -4.39
N ASP A 213 20.29 17.42 -3.38
CA ASP A 213 20.23 18.86 -3.09
C ASP A 213 20.08 19.02 -1.58
N ARG A 214 21.22 19.09 -0.89
CA ARG A 214 21.25 19.32 0.56
C ARG A 214 20.37 18.31 1.30
N GLY A 215 20.47 17.04 0.90
CA GLY A 215 19.71 15.97 1.49
C GLY A 215 18.38 15.70 0.82
N ALA A 216 17.83 16.68 0.11
CA ALA A 216 16.64 16.48 -0.69
C ALA A 216 17.04 15.85 -2.02
N VAL A 217 16.06 15.35 -2.73
CA VAL A 217 16.33 14.71 -4.02
C VAL A 217 15.47 15.39 -5.06
N LEU A 218 16.04 15.51 -6.25
CA LEU A 218 15.42 16.25 -7.36
C LEU A 218 15.40 15.32 -8.56
N PRO A 219 14.23 14.93 -9.05
CA PRO A 219 14.21 14.07 -10.24
CA PRO A 219 14.22 14.06 -10.23
C PRO A 219 14.63 14.83 -11.48
N ILE A 220 15.45 14.20 -12.31
CA ILE A 220 15.93 14.77 -13.56
CA ILE A 220 15.91 14.79 -13.56
C ILE A 220 15.22 14.16 -14.76
N ARG A 221 15.23 12.84 -14.86
CA ARG A 221 14.72 12.18 -16.04
C ARG A 221 14.42 10.73 -15.69
N VAL A 222 13.60 10.12 -16.53
CA VAL A 222 13.34 8.69 -16.43
C VAL A 222 14.38 7.95 -17.25
N HIS A 223 15.08 7.03 -16.58
CA HIS A 223 16.15 6.28 -17.16
C HIS A 223 15.66 5.00 -17.80
N THR A 224 14.74 4.29 -17.15
CA THR A 224 14.24 3.01 -17.64
C THR A 224 12.81 2.82 -17.18
N ILE A 225 11.97 2.24 -18.04
CA ILE A 225 10.62 1.82 -17.68
C ILE A 225 10.43 0.37 -18.09
N VAL A 226 9.89 -0.43 -17.19
CA VAL A 226 9.46 -1.80 -17.47
C VAL A 226 7.96 -1.83 -17.34
N ILE A 227 7.29 -2.48 -18.30
CA ILE A 227 5.88 -2.82 -18.15
C ILE A 227 5.71 -4.25 -18.62
N SER A 228 5.09 -5.07 -17.79
CA SER A 228 4.62 -6.41 -18.17
C SER A 228 3.15 -6.51 -17.84
N VAL A 229 2.34 -6.97 -18.77
CA VAL A 229 0.91 -7.07 -18.52
C VAL A 229 0.35 -8.28 -19.22
N GLN A 230 -0.52 -8.99 -18.53
CA GLN A 230 -1.18 -10.16 -19.08
C GLN A 230 -2.05 -9.74 -20.26
N HIS A 231 -2.12 -10.61 -21.26
CA HIS A 231 -2.80 -10.27 -22.50
C HIS A 231 -3.47 -11.48 -23.10
N ASP A 232 -4.35 -11.22 -24.06
CA ASP A 232 -5.04 -12.32 -24.73
C ASP A 232 -4.13 -13.01 -25.75
N GLU A 233 -4.60 -14.16 -26.21
CA GLU A 233 -3.83 -15.03 -27.07
C GLU A 233 -3.64 -14.47 -28.48
N GLU A 234 -4.45 -13.49 -28.88
CA GLU A 234 -4.50 -13.06 -30.27
C GLU A 234 -3.56 -11.89 -30.57
N VAL A 235 -3.31 -11.00 -29.63
CA VAL A 235 -2.60 -9.76 -29.95
C VAL A 235 -1.11 -10.04 -30.11
N CYS A 236 -0.46 -9.36 -31.06
CA CYS A 236 0.93 -9.67 -31.25
C CYS A 236 1.81 -8.71 -30.41
N LEU A 237 3.07 -9.08 -30.29
CA LEU A 237 3.99 -8.37 -29.43
C LEU A 237 4.22 -6.95 -29.92
N ASP A 238 4.33 -6.75 -31.24
CA ASP A 238 4.56 -5.38 -31.72
C ASP A 238 3.37 -4.47 -31.45
N GLU A 239 2.15 -4.98 -31.63
CA GLU A 239 0.99 -4.18 -31.30
C GLU A 239 1.00 -3.79 -29.82
N MET A 240 1.34 -4.73 -28.95
CA MET A 240 1.33 -4.43 -27.51
C MET A 240 2.40 -3.43 -27.18
N ARG A 241 3.62 -3.58 -27.73
CA ARG A 241 4.69 -2.69 -27.36
C ARG A 241 4.44 -1.28 -27.84
N ASP A 242 3.88 -1.14 -29.05
CA ASP A 242 3.52 0.17 -29.55
C ASP A 242 2.46 0.81 -28.67
N ALA A 243 1.44 0.04 -28.29
CA ALA A 243 0.39 0.59 -27.44
C ALA A 243 0.90 0.97 -26.06
N LEU A 244 1.77 0.15 -25.49
CA LEU A 244 2.27 0.46 -24.17
C LEU A 244 3.09 1.74 -24.17
N LYS A 245 3.82 1.99 -25.25
CA LYS A 245 4.56 3.24 -25.31
CA LYS A 245 4.56 3.24 -25.32
C LYS A 245 3.63 4.42 -25.56
N GLU A 246 2.76 4.30 -26.58
CA GLU A 246 2.00 5.46 -27.03
C GLU A 246 0.78 5.75 -26.19
N LYS A 247 0.09 4.74 -25.71
CA LYS A 247 -1.21 4.91 -25.00
C LYS A 247 -1.04 4.83 -23.50
N VAL A 248 0.06 4.27 -22.99
CA VAL A 248 0.26 4.11 -21.56
C VAL A 248 1.35 5.06 -21.10
N ILE A 249 2.60 4.83 -21.51
CA ILE A 249 3.70 5.64 -21.01
C ILE A 249 3.49 7.11 -21.35
N LYS A 250 3.19 7.42 -22.61
CA LYS A 250 3.07 8.81 -22.98
C LYS A 250 1.87 9.48 -22.35
N ALA A 251 0.86 8.70 -21.95
CA ALA A 251 -0.29 9.28 -21.28
C ALA A 251 -0.07 9.49 -19.79
N VAL A 252 1.05 9.02 -19.25
CA VAL A 252 1.32 9.06 -17.82
C VAL A 252 2.56 9.88 -17.51
N VAL A 253 3.67 9.64 -18.20
CA VAL A 253 4.96 10.20 -17.83
C VAL A 253 5.16 11.48 -18.62
N PRO A 254 5.38 12.61 -17.95
CA PRO A 254 5.63 13.87 -18.67
C PRO A 254 6.79 13.75 -19.64
N ALA A 255 6.59 14.33 -20.83
CA ALA A 255 7.58 14.23 -21.89
C ALA A 255 8.92 14.80 -21.46
N LYS A 256 8.92 15.77 -20.55
CA LYS A 256 10.17 16.37 -20.12
C LYS A 256 11.09 15.34 -19.46
N TYR A 257 10.53 14.24 -18.94
CA TYR A 257 11.35 13.22 -18.30
C TYR A 257 11.82 12.14 -19.24
N LEU A 258 11.33 12.11 -20.47
CA LEU A 258 11.63 11.06 -21.43
C LEU A 258 12.52 11.64 -22.52
N ASP A 259 13.55 10.90 -22.91
CA ASP A 259 14.43 11.38 -23.97
C ASP A 259 14.87 10.20 -24.79
N GLU A 260 15.73 10.48 -25.77
CA GLU A 260 16.17 9.43 -26.68
C GLU A 260 16.96 8.34 -25.98
N ASP A 261 17.49 8.60 -24.80
CA ASP A 261 18.27 7.61 -24.06
C ASP A 261 17.42 6.75 -23.12
N THR A 262 16.16 7.10 -22.87
CA THR A 262 15.33 6.32 -21.97
C THR A 262 15.20 4.92 -22.51
N ILE A 263 15.35 3.96 -21.63
CA ILE A 263 15.30 2.54 -21.97
C ILE A 263 13.91 2.01 -21.65
N TYR A 264 13.32 1.30 -22.61
CA TYR A 264 12.00 0.73 -22.46
C TYR A 264 12.06 -0.78 -22.55
N HIS A 265 11.56 -1.47 -21.52
CA HIS A 265 11.43 -2.93 -21.51
C HIS A 265 9.93 -3.18 -21.41
N LEU A 266 9.30 -3.34 -22.58
CA LEU A 266 7.85 -3.48 -22.70
C LEU A 266 7.55 -4.91 -23.11
N GLN A 267 6.75 -5.60 -22.31
CA GLN A 267 6.54 -7.04 -22.48
C GLN A 267 7.88 -7.77 -22.64
N PRO A 268 8.83 -7.56 -21.73
CA PRO A 268 10.17 -8.14 -21.92
C PRO A 268 10.21 -9.64 -21.89
N SER A 269 9.23 -10.30 -21.29
CA SER A 269 9.22 -11.75 -21.33
C SER A 269 8.81 -12.30 -22.69
N GLY A 270 8.17 -11.48 -23.52
CA GLY A 270 7.73 -11.90 -24.84
C GLY A 270 6.36 -12.53 -24.90
N ARG A 271 5.85 -13.07 -23.81
CA ARG A 271 4.55 -13.73 -23.82
C ARG A 271 4.06 -13.81 -22.39
N PHE A 272 2.85 -13.36 -22.15
CA PHE A 272 2.24 -13.29 -20.81
C PHE A 272 0.74 -13.50 -20.99
N VAL A 273 0.39 -14.71 -21.42
CA VAL A 273 -1.01 -15.08 -21.59
C VAL A 273 -1.55 -15.70 -20.31
N ILE A 274 -0.79 -16.63 -19.73
CA ILE A 274 -1.08 -17.15 -18.40
C ILE A 274 -0.74 -16.09 -17.38
N GLY A 275 -1.69 -15.76 -16.52
CA GLY A 275 -1.47 -14.74 -15.51
C GLY A 275 -2.46 -14.88 -14.37
N GLY A 276 -2.48 -13.88 -13.51
CA GLY A 276 -3.26 -13.96 -12.30
C GLY A 276 -2.78 -15.13 -11.46
N PRO A 277 -3.63 -15.62 -10.56
CA PRO A 277 -3.23 -16.72 -9.66
C PRO A 277 -2.79 -17.97 -10.39
N GLN A 278 -3.24 -18.17 -11.62
CA GLN A 278 -2.79 -19.33 -12.38
C GLN A 278 -1.32 -19.26 -12.73
N GLY A 279 -0.78 -18.07 -12.92
CA GLY A 279 0.63 -17.92 -13.26
C GLY A 279 1.53 -17.86 -12.06
N ASP A 280 1.01 -17.51 -10.88
CA ASP A 280 1.85 -17.24 -9.72
C ASP A 280 0.96 -17.17 -8.51
N ALA A 281 1.27 -17.92 -7.46
CA ALA A 281 0.48 -17.86 -6.24
C ALA A 281 0.57 -16.47 -5.62
N GLY A 282 -0.54 -16.01 -5.05
CA GLY A 282 -0.61 -14.74 -4.35
C GLY A 282 -0.85 -14.96 -2.87
N LEU A 283 -0.35 -14.04 -2.07
CA LEU A 283 -0.57 -14.06 -0.63
C LEU A 283 -0.74 -12.62 -0.17
N THR A 284 -1.54 -12.43 0.87
CA THR A 284 -1.65 -11.12 1.50
C THR A 284 -0.31 -10.72 2.09
N GLY A 285 0.02 -9.44 1.95
CA GLY A 285 1.17 -8.90 2.63
C GLY A 285 2.50 -9.21 1.98
N ARG A 286 2.49 -9.45 0.68
CA ARG A 286 3.69 -9.72 -0.11
C ARG A 286 4.04 -8.58 -1.04
N LYS A 287 3.41 -7.42 -0.89
CA LYS A 287 3.69 -6.23 -1.67
C LYS A 287 3.86 -5.03 -0.75
N ILE A 288 4.60 -5.22 0.35
CA ILE A 288 4.61 -4.19 1.38
C ILE A 288 5.41 -2.98 0.97
N ILE A 289 6.34 -3.12 0.02
CA ILE A 289 7.10 -1.97 -0.47
C ILE A 289 6.34 -1.21 -1.55
N VAL A 290 5.62 -1.92 -2.42
CA VAL A 290 4.66 -1.31 -3.34
C VAL A 290 3.59 -0.55 -2.57
N ASP A 291 3.19 -1.06 -1.39
CA ASP A 291 2.15 -0.43 -0.59
C ASP A 291 2.61 0.85 0.06
N THR A 292 3.93 1.07 0.15
CA THR A 292 4.48 2.14 0.95
C THR A 292 5.30 3.06 0.07
N TYR A 293 6.62 2.98 0.10
CA TYR A 293 7.48 4.02 -0.46
C TYR A 293 8.41 3.53 -1.57
N GLY A 294 8.21 2.32 -2.09
CA GLY A 294 8.93 1.92 -3.27
C GLY A 294 10.42 1.78 -3.11
N GLY A 295 10.89 1.48 -1.90
CA GLY A 295 12.29 1.31 -1.64
C GLY A 295 12.90 2.49 -0.95
N TRP A 296 12.25 3.64 -1.05
CA TRP A 296 12.69 4.81 -0.32
C TRP A 296 12.33 4.69 1.15
N GLY A 297 12.97 5.49 1.98
N GLY A 297 12.98 5.50 1.97
CA GLY A 297 12.62 5.47 3.40
CA GLY A 297 12.75 5.40 3.39
C GLY A 297 13.11 4.21 4.09
C GLY A 297 13.07 4.00 3.85
N ALA A 298 12.21 3.45 4.70
CA ALA A 298 12.49 2.14 5.28
C ALA A 298 11.17 1.44 5.54
N HIS A 299 11.25 0.17 5.92
CA HIS A 299 10.06 -0.59 6.26
C HIS A 299 10.35 -1.45 7.47
N GLY A 300 9.36 -1.56 8.35
CA GLY A 300 9.50 -2.38 9.54
C GLY A 300 9.04 -3.81 9.40
N GLY A 301 8.41 -4.14 8.27
CA GLY A 301 8.09 -5.50 7.93
C GLY A 301 6.63 -5.86 8.02
N GLY A 302 5.81 -5.02 8.66
N GLY A 302 5.79 -5.03 8.64
CA GLY A 302 4.42 -5.37 8.85
CA GLY A 302 4.41 -5.39 8.88
C GLY A 302 3.61 -5.11 7.60
C GLY A 302 3.51 -5.05 7.71
N ALA A 303 2.72 -6.04 7.29
CA ALA A 303 1.76 -5.85 6.22
C ALA A 303 0.55 -5.08 6.70
N PHE A 304 -0.16 -4.48 5.77
CA PHE A 304 -1.31 -3.66 6.11
C PHE A 304 -2.64 -4.39 5.98
N SER A 305 -2.86 -5.10 4.89
CA SER A 305 -4.22 -5.49 4.54
C SER A 305 -4.74 -6.60 5.43
N GLY A 306 -6.04 -6.55 5.68
CA GLY A 306 -6.71 -7.54 6.48
C GLY A 306 -6.66 -7.33 7.97
N LYS A 307 -6.18 -6.17 8.42
CA LYS A 307 -5.94 -5.91 9.83
C LYS A 307 -6.75 -4.70 10.29
N ASP A 308 -7.43 -4.83 11.43
CA ASP A 308 -8.09 -3.71 12.08
C ASP A 308 -7.07 -2.83 12.82
N TYR A 309 -7.57 -1.71 13.35
CA TYR A 309 -6.67 -0.67 13.84
C TYR A 309 -5.83 -1.11 15.03
N THR A 310 -6.25 -2.14 15.78
CA THR A 310 -5.46 -2.53 16.93
C THR A 310 -4.13 -3.14 16.50
N LYS A 311 -4.02 -3.55 15.23
CA LYS A 311 -2.76 -4.01 14.68
C LYS A 311 -1.98 -2.78 14.27
N VAL A 312 -1.00 -2.42 15.09
CA VAL A 312 -0.19 -1.24 14.86
C VAL A 312 0.62 -1.32 13.58
N ASP A 313 0.84 -2.51 13.03
CA ASP A 313 1.46 -2.59 11.71
C ASP A 313 0.80 -1.67 10.72
N ARG A 314 -0.51 -1.56 10.80
CA ARG A 314 -1.26 -0.66 9.94
C ARG A 314 -1.44 0.72 10.57
N SER A 315 -2.07 0.79 11.74
CA SER A 315 -2.42 2.08 12.29
C SER A 315 -1.20 2.94 12.57
N ALA A 316 -0.12 2.36 13.10
CA ALA A 316 1.05 3.17 13.42
C ALA A 316 1.82 3.53 12.18
N ALA A 317 1.79 2.69 11.14
CA ALA A 317 2.41 3.08 9.88
C ALA A 317 1.65 4.23 9.25
N TYR A 318 0.32 4.21 9.34
CA TYR A 318 -0.45 5.33 8.82
C TYR A 318 -0.16 6.58 9.64
N ALA A 319 -0.10 6.44 10.97
CA ALA A 319 0.23 7.60 11.79
C ALA A 319 1.64 8.10 11.51
N ALA A 320 2.59 7.21 11.25
CA ALA A 320 3.96 7.65 10.97
C ALA A 320 4.03 8.40 9.65
N ARG A 321 3.29 7.95 8.64
CA ARG A 321 3.15 8.73 7.41
C ARG A 321 2.58 10.10 7.71
N TRP A 322 1.54 10.16 8.53
CA TRP A 322 0.91 11.41 8.88
C TRP A 322 1.91 12.35 9.53
N VAL A 323 2.71 11.84 10.47
CA VAL A 323 3.74 12.65 11.09
C VAL A 323 4.74 13.15 10.05
N ALA A 324 5.25 12.25 9.23
CA ALA A 324 6.27 12.66 8.26
C ALA A 324 5.72 13.72 7.32
N LYS A 325 4.53 13.49 6.79
CA LYS A 325 3.95 14.46 5.87
C LYS A 325 3.67 15.78 6.55
N SER A 326 3.26 15.73 7.82
CA SER A 326 3.04 16.97 8.57
C SER A 326 4.32 17.76 8.74
N LEU A 327 5.45 17.08 8.95
CA LEU A 327 6.72 17.78 9.09
C LEU A 327 7.13 18.43 7.76
N VAL A 328 6.93 17.73 6.65
CA VAL A 328 7.31 18.29 5.36
C VAL A 328 6.37 19.41 4.96
N LYS A 329 5.06 19.18 5.04
CA LYS A 329 4.12 20.23 4.67
C LYS A 329 4.20 21.41 5.64
N GLY A 330 4.62 21.18 6.88
CA GLY A 330 4.79 22.26 7.83
C GLY A 330 6.06 23.07 7.65
N GLY A 331 6.85 22.71 6.65
CA GLY A 331 8.04 23.44 6.34
C GLY A 331 9.22 23.15 7.23
N LEU A 332 9.15 22.10 8.06
CA LEU A 332 10.25 21.83 8.99
C LEU A 332 11.35 21.02 8.34
N CYS A 333 11.08 20.36 7.23
N CYS A 333 11.01 20.21 7.33
CA CYS A 333 12.10 19.61 6.55
CA CYS A 333 11.97 19.37 6.62
C CYS A 333 11.58 19.28 5.16
C CYS A 333 11.61 19.42 5.14
N ARG A 334 12.51 18.91 4.29
CA ARG A 334 12.17 18.59 2.91
C ARG A 334 11.99 17.11 2.71
N ARG A 335 12.56 16.31 3.59
CA ARG A 335 12.55 14.85 3.48
CA ARG A 335 12.55 14.86 3.48
C ARG A 335 12.72 14.31 4.87
N VAL A 336 11.96 13.29 5.24
CA VAL A 336 12.04 12.81 6.61
C VAL A 336 11.57 11.37 6.69
N LEU A 337 12.24 10.64 7.58
CA LEU A 337 11.90 9.28 7.95
C LEU A 337 11.59 9.25 9.44
N VAL A 338 10.51 8.59 9.80
CA VAL A 338 10.05 8.48 11.18
C VAL A 338 10.01 7.00 11.51
N GLN A 339 10.61 6.58 12.63
CA GLN A 339 10.45 5.24 13.15
C GLN A 339 9.66 5.29 14.44
N VAL A 340 8.77 4.33 14.62
CA VAL A 340 8.09 4.09 15.88
CA VAL A 340 8.09 4.09 15.88
C VAL A 340 8.11 2.59 16.14
N SER A 341 7.98 2.20 17.40
CA SER A 341 7.93 0.79 17.72
C SER A 341 7.05 0.57 18.93
N TYR A 342 6.55 -0.66 19.08
CA TYR A 342 5.59 -1.02 20.09
C TYR A 342 5.92 -2.40 20.68
N ALA A 343 5.35 -2.65 21.86
CA ALA A 343 5.30 -3.98 22.47
C ALA A 343 3.83 -4.39 22.60
N ILE A 344 3.55 -5.67 22.37
CA ILE A 344 2.18 -6.14 22.53
C ILE A 344 1.69 -5.82 23.94
N GLY A 345 0.47 -5.32 24.02
CA GLY A 345 -0.15 -5.02 25.29
C GLY A 345 0.20 -3.69 25.88
N VAL A 346 1.11 -2.94 25.29
CA VAL A 346 1.56 -1.65 25.79
C VAL A 346 1.05 -0.58 24.85
N SER A 347 0.44 0.48 25.40
CA SER A 347 -0.21 1.50 24.58
CA SER A 347 -0.20 1.48 24.55
C SER A 347 0.80 2.46 23.93
N HIS A 348 1.68 3.04 24.73
CA HIS A 348 2.59 4.04 24.20
C HIS A 348 3.72 3.38 23.42
N PRO A 349 4.18 4.03 22.36
CA PRO A 349 5.34 3.49 21.64
C PRO A 349 6.55 3.37 22.54
N LEU A 350 7.36 2.36 22.25
N LEU A 350 7.36 2.36 22.24
CA LEU A 350 8.59 2.13 22.99
CA LEU A 350 8.59 2.13 22.99
C LEU A 350 9.69 3.09 22.55
C LEU A 350 9.71 3.05 22.54
N SER A 351 9.67 3.51 21.30
CA SER A 351 10.69 4.36 20.71
C SER A 351 10.06 5.17 19.61
N ILE A 352 10.58 6.38 19.42
CA ILE A 352 10.27 7.24 18.29
C ILE A 352 11.58 7.85 17.84
N SER A 353 11.82 7.86 16.53
CA SER A 353 13.03 8.43 15.98
C SER A 353 12.70 9.20 14.73
N ILE A 354 13.45 10.27 14.49
CA ILE A 354 13.28 11.15 13.35
C ILE A 354 14.61 11.31 12.64
N PHE A 355 14.60 11.12 11.33
CA PHE A 355 15.79 11.26 10.51
C PHE A 355 15.45 12.21 9.36
N HIS A 356 16.14 13.34 9.27
CA HIS A 356 15.74 14.36 8.31
C HIS A 356 16.72 14.54 7.16
N TYR A 357 17.71 13.66 7.02
CA TYR A 357 18.60 13.64 5.87
C TYR A 357 19.38 14.93 5.70
N GLY A 358 19.46 15.76 6.75
CA GLY A 358 20.08 17.06 6.65
C GLY A 358 19.20 18.14 6.06
N THR A 359 17.89 17.91 5.93
CA THR A 359 17.02 18.84 5.22
C THR A 359 16.26 19.80 6.12
N SER A 360 16.67 19.97 7.37
CA SER A 360 16.06 20.92 8.28
C SER A 360 17.16 21.73 8.94
N GLN A 361 16.84 22.99 9.25
CA GLN A 361 17.70 23.76 10.14
C GLN A 361 17.61 23.28 11.57
N LYS A 362 16.50 22.64 11.95
CA LYS A 362 16.36 22.11 13.29
C LYS A 362 17.05 20.76 13.37
N SER A 363 17.58 20.47 14.55
CA SER A 363 18.17 19.15 14.76
C SER A 363 17.08 18.09 14.81
N GLU A 364 17.51 16.84 14.59
CA GLU A 364 16.58 15.72 14.72
C GLU A 364 16.01 15.63 16.12
N ARG A 365 16.80 15.95 17.15
CA ARG A 365 16.26 16.01 18.50
C ARG A 365 15.16 17.04 18.61
N GLU A 366 15.36 18.24 18.04
CA GLU A 366 14.31 19.24 18.09
C GLU A 366 13.04 18.78 17.37
N LEU A 367 13.18 18.12 16.22
CA LEU A 367 12.00 17.64 15.52
C LEU A 367 11.30 16.57 16.35
N LEU A 368 12.06 15.70 17.00
CA LEU A 368 11.46 14.67 17.82
C LEU A 368 10.65 15.30 18.94
N GLU A 369 11.14 16.37 19.56
CA GLU A 369 10.35 17.02 20.60
C GLU A 369 9.07 17.64 20.05
N ILE A 370 9.13 18.22 18.86
CA ILE A 370 7.92 18.75 18.21
C ILE A 370 6.92 17.62 17.95
N VAL A 371 7.42 16.48 17.47
CA VAL A 371 6.53 15.34 17.25
C VAL A 371 5.88 14.90 18.54
N LYS A 372 6.68 14.77 19.60
CA LYS A 372 6.13 14.32 20.87
C LYS A 372 5.11 15.28 21.43
N LYS A 373 5.29 16.59 21.19
CA LYS A 373 4.34 17.56 21.71
C LYS A 373 3.06 17.62 20.90
N ASN A 374 3.07 17.17 19.65
CA ASN A 374 1.93 17.34 18.76
C ASN A 374 1.17 16.06 18.46
N PHE A 375 1.77 14.91 18.69
CA PHE A 375 1.15 13.64 18.32
C PHE A 375 1.10 12.72 19.53
N ASP A 376 0.02 11.96 19.62
CA ASP A 376 -0.16 10.91 20.62
C ASP A 376 -0.32 9.61 19.82
N LEU A 377 0.69 8.77 19.84
CA LEU A 377 0.77 7.62 18.95
C LEU A 377 0.33 6.33 19.65
N ARG A 378 -0.50 6.43 20.68
CA ARG A 378 -1.18 5.26 21.19
C ARG A 378 -2.22 4.80 20.18
N PRO A 379 -2.38 3.50 19.98
CA PRO A 379 -3.36 3.06 18.97
C PRO A 379 -4.77 3.51 19.25
N GLY A 380 -5.16 3.59 20.51
CA GLY A 380 -6.48 4.02 20.85
C GLY A 380 -6.71 5.50 20.72
N VAL A 381 -5.67 6.26 20.44
CA VAL A 381 -5.80 7.66 20.04
C VAL A 381 -5.70 7.82 18.53
N ILE A 382 -4.78 7.10 17.91
CA ILE A 382 -4.66 7.12 16.45
C ILE A 382 -6.00 6.77 15.82
N VAL A 383 -6.71 5.81 16.40
CA VAL A 383 -7.98 5.37 15.80
C VAL A 383 -8.96 6.52 15.69
N ARG A 384 -8.96 7.40 16.70
CA ARG A 384 -9.82 8.57 16.69
C ARG A 384 -9.31 9.60 15.69
N ASP A 385 -8.01 9.90 15.73
CA ASP A 385 -7.48 10.95 14.86
C ASP A 385 -7.58 10.59 13.38
N LEU A 386 -7.42 9.32 13.04
CA LEU A 386 -7.41 8.88 11.66
C LEU A 386 -8.69 8.14 11.26
N ASP A 387 -9.67 8.04 12.15
CA ASP A 387 -10.99 7.47 11.85
C ASP A 387 -10.90 6.04 11.36
N LEU A 388 -10.13 5.21 12.06
CA LEU A 388 -9.72 3.92 11.54
C LEU A 388 -10.73 2.79 11.77
N LYS A 389 -11.91 3.08 12.31
CA LYS A 389 -12.98 2.10 12.28
C LYS A 389 -13.83 2.23 11.03
N LYS A 390 -13.57 3.24 10.18
CA LYS A 390 -14.40 3.36 8.99
C LYS A 390 -14.01 2.33 7.94
N PRO A 391 -14.98 1.74 7.25
CA PRO A 391 -14.71 0.68 6.27
C PRO A 391 -14.25 1.23 4.91
N ILE A 392 -13.06 1.83 4.89
CA ILE A 392 -12.49 2.39 3.67
C ILE A 392 -11.27 1.62 3.21
N TYR A 393 -11.02 0.46 3.79
CA TYR A 393 -9.73 -0.16 3.60
C TYR A 393 -9.56 -0.80 2.24
N GLN A 394 -10.60 -1.33 1.62
CA GLN A 394 -10.39 -1.90 0.30
C GLN A 394 -9.85 -0.85 -0.66
N ARG A 395 -10.22 0.42 -0.47
CA ARG A 395 -9.71 1.48 -1.34
C ARG A 395 -8.21 1.70 -1.19
N THR A 396 -7.63 1.31 -0.06
CA THR A 396 -6.19 1.47 0.15
C THR A 396 -5.35 0.37 -0.48
N ALA A 397 -5.96 -0.74 -0.87
CA ALA A 397 -5.25 -2.01 -1.09
C ALA A 397 -4.70 -2.19 -2.50
N ALA A 398 -4.83 -1.17 -3.37
CA ALA A 398 -4.12 -1.12 -4.63
C ALA A 398 -3.66 0.31 -4.87
N TYR A 399 -2.53 0.44 -5.55
CA TYR A 399 -1.96 1.73 -5.96
C TYR A 399 -1.33 2.49 -4.80
N GLY A 400 -1.03 1.81 -3.71
CA GLY A 400 -0.33 2.40 -2.59
C GLY A 400 -1.28 2.97 -1.57
N HIS A 401 -0.87 2.90 -0.31
CA HIS A 401 -1.68 3.42 0.79
C HIS A 401 -1.48 4.89 1.03
N PHE A 402 -0.44 5.47 0.44
CA PHE A 402 -0.03 6.83 0.71
C PHE A 402 -0.01 7.64 -0.57
N GLY A 403 -0.15 8.93 -0.40
CA GLY A 403 -0.02 9.83 -1.52
C GLY A 403 -1.27 10.01 -2.35
N ARG A 404 -2.41 9.50 -1.90
CA ARG A 404 -3.62 9.53 -2.71
C ARG A 404 -4.85 9.85 -1.87
N ASP A 405 -5.83 10.46 -2.54
CA ASP A 405 -7.25 10.59 -2.08
C ASP A 405 -7.50 11.30 -0.76
N SER A 406 -6.54 12.02 -0.28
CA SER A 406 -6.74 12.80 0.95
C SER A 406 -7.37 11.95 2.07
N PHE A 407 -6.89 10.71 2.22
CA PHE A 407 -7.19 9.90 3.42
C PHE A 407 -6.73 10.68 4.65
N PRO A 408 -7.21 10.34 5.86
CA PRO A 408 -6.89 11.19 7.01
C PRO A 408 -5.40 11.32 7.27
N TRP A 409 -4.63 10.28 6.99
CA TRP A 409 -3.19 10.32 7.23
C TRP A 409 -2.45 11.15 6.19
N GLU A 410 -3.15 11.61 5.15
CA GLU A 410 -2.60 12.46 4.11
C GLU A 410 -2.92 13.93 4.32
N VAL A 411 -3.71 14.24 5.34
CA VAL A 411 -4.08 15.62 5.65
C VAL A 411 -3.17 16.09 6.77
N PRO A 412 -2.23 17.00 6.50
N PRO A 412 -2.22 16.99 6.50
CA PRO A 412 -1.21 17.30 7.53
CA PRO A 412 -1.22 17.35 7.52
C PRO A 412 -1.82 17.95 8.75
C PRO A 412 -1.86 17.92 8.77
N LYS A 413 -1.26 17.61 9.90
CA LYS A 413 -1.60 18.27 11.15
C LYS A 413 -0.83 19.58 11.26
N LYS A 414 -1.53 20.63 11.66
N LYS A 414 -1.52 20.65 11.65
CA LYS A 414 -0.89 21.90 11.97
CA LYS A 414 -0.85 21.92 11.89
C LYS A 414 -0.09 21.75 13.24
C LYS A 414 -0.10 21.83 13.22
N LEU A 415 1.20 22.06 13.18
CA LEU A 415 2.09 21.80 14.31
C LEU A 415 2.29 23.06 15.12
N LYS A 416 2.27 22.90 16.43
CA LYS A 416 2.57 23.97 17.38
C LYS A 416 3.99 23.77 17.89
N TYR A 417 4.79 24.81 17.85
CA TYR A 417 6.18 24.76 18.32
C TYR A 417 6.72 26.18 18.41
MG MG B . 4.50 -12.50 -4.99
MG MG C . 8.37 -9.16 -6.33
K K D . 4.44 -16.15 -5.60
N3A XE1 E . 6.81 -12.40 -7.68
N3B XE1 E . 8.17 -12.47 -5.31
O1A XE1 E . 4.86 -11.21 -6.53
O1B XE1 E . 5.82 -14.07 -5.78
O1G XE1 E . 7.75 -10.03 -4.51
O2A XE1 E . 6.77 -9.85 -7.22
O2B XE1 E . 8.12 -14.59 -6.72
O2G XE1 E . 6.03 -11.67 -3.84
O3G XE1 E . 8.25 -11.75 -2.83
O4A XE1 E . 5.29 -10.74 -8.86
PA XE1 E . 5.88 -10.98 -7.56
PB XE1 E . 7.15 -13.36 -6.32
PG XE1 E . 7.51 -11.44 -4.06
H3A1 XE1 E . 7.11 -12.65 -8.45
H3B1 XE1 E . 9.02 -12.53 -5.41
H1B1 XE1 E . 5.12 -13.65 -6.07
H2B1 XE1 E . 8.35 -14.54 -7.54
HB1 XE1 E . 6.63 -12.97 -5.29
CS MTA F . 7.24 -13.97 -13.01
S5' MTA F . 5.93 -14.47 -11.88
C5' MTA F . 5.72 -13.05 -10.81
C4' MTA F . 4.77 -12.05 -11.46
O4' MTA F . 5.22 -11.69 -12.67
C2' MTA F . 2.85 -11.76 -12.77
O2' MTA F . 2.44 -10.43 -12.22
C3' MTA F . 3.29 -12.61 -11.58
O3' MTA F . 2.56 -12.46 -10.44
C1' MTA F . 3.93 -11.61 -13.57
N9 MTA F . 4.08 -12.58 -14.60
C8 MTA F . 3.51 -13.79 -14.64
N7 MTA F . 3.78 -14.39 -15.79
C5 MTA F . 4.53 -13.51 -16.50
C6 MTA F . 5.01 -13.59 -17.76
N6 MTA F . 4.92 -14.66 -18.66
N1 MTA F . 5.70 -12.55 -18.24
C2 MTA F . 5.88 -11.43 -17.47
N3 MTA F . 5.43 -11.33 -16.21
C4 MTA F . 4.70 -12.39 -15.77
HCS1 MTA F . 7.63 -14.77 -13.43
HCS2 MTA F . 7.93 -13.51 -12.52
HCS3 MTA F . 6.87 -13.39 -13.69
H5'1 MTA F . 6.59 -12.63 -10.67
H5'2 MTA F . 5.36 -13.35 -9.95
H4' MTA F . 4.69 -11.25 -10.93
H2' MTA F . 2.14 -12.18 -13.28
HO2' MTA F . 2.15 -9.94 -12.86
H3' MTA F . 3.21 -13.56 -11.75
H3T MTA F . 2.44 -11.63 -10.29
H1' MTA F . 3.81 -10.74 -13.97
H8 MTA F . 3.01 -14.18 -13.94
H61 MTA F . 5.32 -14.60 -19.43
H62 MTA F . 4.45 -15.35 -18.47
H2 MTA F . 6.35 -10.72 -17.83
N ALA G . 6.22 -17.79 -9.46
CA ALA G . 7.06 -17.41 -10.59
C ALA G . 7.69 -18.63 -11.21
O ALA G . 8.74 -18.56 -11.85
CB ALA G . 8.12 -16.41 -10.14
OXT ALA G . 7.16 -19.74 -11.08
HA ALA G . 6.51 -16.96 -11.26
HB1 ALA G . 7.69 -15.67 -9.71
HB2 ALA G . 8.72 -16.86 -9.53
NA NA H . 13.61 17.95 -16.03
NA NA I . -14.73 -2.26 -12.00
NA NA J . 5.64 19.24 -1.38
NA NA K . -6.81 -15.56 -24.76
NA NA L . 10.47 1.49 0.84
NA NA L . 9.07 1.48 0.64
NA NA M . -6.28 14.29 -3.05
#